data_5JZJ
#
_entry.id   5JZJ
#
_cell.length_a   56.390
_cell.length_b   81.270
_cell.length_c   59.610
_cell.angle_alpha   90.000
_cell.angle_beta   92.100
_cell.angle_gamma   90.000
#
_symmetry.space_group_name_H-M   'P 1 21 1'
#
loop_
_entity.id
_entity.type
_entity.pdbx_description
1 polymer 'Serine/threonine-protein kinase DCLK1'
2 non-polymer 'MAGNESIUM ION'
3 non-polymer 'SULFATE ION'
4 non-polymer 'AMP PHOSPHORAMIDATE'
5 water water
#
_entity_poly.entity_id   1
_entity_poly.type   'polypeptide(L)'
_entity_poly.pdbx_seq_one_letter_code
;MHHHHHHHHGSENLYFQGSGEEVSEEGFQIPATITERYKVGRTIGDGNFAVVKECVERSTAREYALKIIKKSKCRGKEHM
IQNEVSILRRVKHPNIVLLIEEMDVPTELYLVMELVKGGDLFDAITSTNKYTERDASGMLYNLASAIKYLHSLNIVHRDI
KPENLLVYEHQDGSKSLKLGDFGLATIVDGPLYTVCGTPTYVAPEIIAETGYGLKVDIWAAGVITYILLCGFPPFRGSGD
DQEVLFDQILMGQVDFPSPYWDNVSDSAKELITMMLLVDVDQRFSAVQVLEHPWVND
;
_entity_poly.pdbx_strand_id   A,B
#
loop_
_chem_comp.id
_chem_comp.type
_chem_comp.name
_chem_comp.formula
AN2 non-polymer 'AMP PHOSPHORAMIDATE' 'C10 H16 N6 O9 P2'
MG non-polymer 'MAGNESIUM ION' 'Mg 2'
SO4 non-polymer 'SULFATE ION' 'O4 S -2'
#
# COMPACT_ATOMS: atom_id res chain seq x y z
N GLU A 22 10.10 -0.60 29.38
CA GLU A 22 9.38 -1.87 29.29
C GLU A 22 9.52 -2.45 27.88
N VAL A 23 9.99 -3.71 27.79
CA VAL A 23 10.22 -4.38 26.49
C VAL A 23 9.35 -5.63 26.39
N SER A 24 8.57 -5.76 25.31
CA SER A 24 7.74 -6.93 25.03
C SER A 24 8.64 -8.12 24.64
N GLU A 25 8.07 -9.35 24.58
CA GLU A 25 8.77 -10.57 24.18
C GLU A 25 9.31 -10.47 22.74
N GLU A 26 8.60 -9.72 21.86
CA GLU A 26 8.98 -9.49 20.46
C GLU A 26 10.08 -8.42 20.32
N GLY A 27 10.39 -7.73 21.41
CA GLY A 27 11.40 -6.68 21.44
C GLY A 27 10.86 -5.26 21.35
N PHE A 28 9.51 -5.08 21.34
CA PHE A 28 8.90 -3.76 21.22
C PHE A 28 9.16 -2.91 22.47
N GLN A 29 9.58 -1.66 22.26
CA GLN A 29 9.81 -0.70 23.34
C GLN A 29 8.49 0.04 23.58
N ILE A 30 7.60 -0.55 24.41
CA ILE A 30 6.28 0.01 24.74
C ILE A 30 6.47 1.40 25.37
N PRO A 31 5.88 2.46 24.76
CA PRO A 31 6.03 3.81 25.34
C PRO A 31 5.53 3.89 26.77
N ALA A 32 6.19 4.72 27.59
CA ALA A 32 5.90 4.93 29.00
C ALA A 32 4.46 5.32 29.25
N THR A 33 3.89 6.20 28.39
CA THR A 33 2.51 6.68 28.50
C THR A 33 1.50 5.52 28.37
N ILE A 34 1.82 4.50 27.55
CA ILE A 34 0.97 3.32 27.37
C ILE A 34 1.05 2.45 28.63
N THR A 35 2.27 2.11 29.08
CA THR A 35 2.46 1.26 30.28
C THR A 35 1.95 1.95 31.55
N GLU A 36 1.95 3.30 31.58
CA GLU A 36 1.45 4.07 32.71
C GLU A 36 -0.04 3.81 32.95
N ARG A 37 -0.85 3.81 31.86
CA ARG A 37 -2.30 3.67 31.96
C ARG A 37 -2.83 2.27 31.60
N TYR A 38 -2.02 1.43 30.94
CA TYR A 38 -2.45 0.10 30.54
C TYR A 38 -1.51 -1.00 31.01
N LYS A 39 -2.09 -2.13 31.44
CA LYS A 39 -1.31 -3.32 31.76
C LYS A 39 -1.36 -4.19 30.49
N VAL A 40 -0.25 -4.27 29.76
CA VAL A 40 -0.20 -5.02 28.50
C VAL A 40 -0.10 -6.51 28.79
N GLY A 41 -0.99 -7.28 28.15
CA GLY A 41 -1.08 -8.72 28.28
C GLY A 41 -0.57 -9.53 27.10
N ARG A 42 -1.13 -10.74 26.97
CA ARG A 42 -0.74 -11.73 25.96
C ARG A 42 -1.18 -11.35 24.55
N THR A 43 -0.45 -11.86 23.56
CA THR A 43 -0.73 -11.73 22.13
C THR A 43 -1.98 -12.54 21.84
N ILE A 44 -3.00 -11.89 21.28
CA ILE A 44 -4.28 -12.56 20.99
C ILE A 44 -4.48 -12.76 19.50
N GLY A 45 -3.63 -12.12 18.72
CA GLY A 45 -3.68 -12.22 17.29
C GLY A 45 -2.45 -11.63 16.65
N ASP A 46 -2.24 -11.98 15.39
CA ASP A 46 -1.10 -11.51 14.63
CA ASP A 46 -1.10 -11.50 14.63
C ASP A 46 -1.48 -11.42 13.15
N GLY A 47 -0.68 -10.71 12.40
CA GLY A 47 -0.84 -10.55 10.96
C GLY A 47 0.53 -10.31 10.37
N ASN A 48 0.59 -10.02 9.07
CA ASN A 48 1.86 -9.74 8.39
C ASN A 48 2.54 -8.49 8.92
N PHE A 49 1.74 -7.49 9.33
CA PHE A 49 2.25 -6.20 9.74
C PHE A 49 2.06 -5.88 11.22
N ALA A 50 1.11 -6.53 11.88
CA ALA A 50 0.84 -6.17 13.26
C ALA A 50 0.82 -7.32 14.23
N VAL A 51 1.09 -6.98 15.51
CA VAL A 51 0.96 -7.86 16.65
C VAL A 51 -0.11 -7.20 17.52
N VAL A 52 -1.12 -7.96 17.88
CA VAL A 52 -2.25 -7.47 18.68
C VAL A 52 -2.24 -8.17 20.01
N LYS A 53 -2.27 -7.37 21.09
CA LYS A 53 -2.26 -7.87 22.46
C LYS A 53 -3.47 -7.43 23.25
N GLU A 54 -3.83 -8.23 24.27
CA GLU A 54 -4.84 -7.86 25.25
C GLU A 54 -4.19 -6.88 26.18
N CYS A 55 -4.92 -5.90 26.68
CA CYS A 55 -4.38 -4.97 27.66
C CYS A 55 -5.52 -4.53 28.56
N VAL A 56 -5.18 -4.02 29.74
CA VAL A 56 -6.21 -3.65 30.71
C VAL A 56 -5.97 -2.21 31.14
N GLU A 57 -6.98 -1.34 31.01
CA GLU A 57 -6.86 0.05 31.45
C GLU A 57 -6.84 0.01 32.98
N ARG A 58 -5.69 0.38 33.57
CA ARG A 58 -5.43 0.28 35.02
C ARG A 58 -6.52 0.92 35.90
N SER A 59 -6.96 2.15 35.57
CA SER A 59 -7.93 2.93 36.35
C SER A 59 -9.34 2.30 36.42
N THR A 60 -9.74 1.56 35.37
CA THR A 60 -11.10 1.02 35.25
C THR A 60 -11.18 -0.52 35.25
N ALA A 61 -10.05 -1.22 35.00
CA ALA A 61 -9.94 -2.67 34.81
C ALA A 61 -10.61 -3.09 33.49
N ARG A 62 -11.01 -2.08 32.66
CA ARG A 62 -11.62 -2.36 31.37
C ARG A 62 -10.56 -2.88 30.41
N GLU A 63 -10.93 -3.90 29.64
CA GLU A 63 -10.04 -4.55 28.67
C GLU A 63 -10.13 -3.89 27.30
N TYR A 64 -8.98 -3.76 26.64
CA TYR A 64 -8.83 -3.20 25.30
C TYR A 64 -7.84 -4.03 24.51
N ALA A 65 -7.76 -3.77 23.20
CA ALA A 65 -6.75 -4.43 22.38
C ALA A 65 -5.66 -3.41 22.10
N LEU A 66 -4.40 -3.86 22.10
CA LEU A 66 -3.30 -2.98 21.75
C LEU A 66 -2.70 -3.51 20.47
N LYS A 67 -2.92 -2.77 19.38
CA LYS A 67 -2.38 -3.16 18.07
C LYS A 67 -1.03 -2.44 17.85
N ILE A 68 0.03 -3.22 17.59
CA ILE A 68 1.37 -2.68 17.40
C ILE A 68 1.77 -2.88 15.96
N ILE A 69 1.92 -1.80 15.22
CA ILE A 69 2.26 -1.86 13.80
C ILE A 69 3.74 -1.54 13.57
N LYS A 70 4.49 -2.52 13.03
CA LYS A 70 5.91 -2.33 12.72
C LYS A 70 6.00 -1.55 11.40
N LYS A 71 6.50 -0.30 11.48
CA LYS A 71 6.61 0.62 10.33
C LYS A 71 7.70 0.19 9.32
N SER A 72 7.51 0.52 8.01
CA SER A 72 8.48 0.18 6.98
C SER A 72 9.68 1.12 7.05
N LYS A 73 10.87 0.53 7.17
CA LYS A 73 12.13 1.25 7.30
C LYS A 73 12.69 1.63 5.93
N CYS A 74 13.33 2.81 5.87
CA CYS A 74 14.02 3.31 4.68
C CYS A 74 15.50 3.21 4.94
N ARG A 75 16.31 3.64 3.96
CA ARG A 75 17.74 3.80 4.17
C ARG A 75 17.85 5.08 4.98
N GLY A 76 18.71 5.10 5.97
CA GLY A 76 18.79 6.23 6.88
C GLY A 76 17.93 5.95 8.11
N LYS A 77 17.60 6.98 8.90
CA LYS A 77 16.85 6.80 10.15
C LYS A 77 15.35 6.97 10.00
N GLU A 78 14.89 7.40 8.81
CA GLU A 78 13.48 7.62 8.60
C GLU A 78 12.70 6.34 8.30
N HIS A 79 11.41 6.36 8.66
CA HIS A 79 10.48 5.28 8.40
C HIS A 79 9.37 5.84 7.53
N MET A 80 8.77 4.98 6.71
CA MET A 80 7.69 5.39 5.81
C MET A 80 6.44 5.73 6.58
N ILE A 81 5.63 6.64 6.03
CA ILE A 81 4.40 7.07 6.71
C ILE A 81 3.25 6.13 6.35
N GLN A 82 2.25 6.04 7.24
CA GLN A 82 1.13 5.09 7.08
C GLN A 82 -0.21 5.80 6.93
N ASN A 83 -1.20 5.10 6.36
CA ASN A 83 -2.52 5.66 6.10
C ASN A 83 -3.63 5.21 7.08
N GLU A 84 -3.51 4.03 7.67
CA GLU A 84 -4.56 3.46 8.53
C GLU A 84 -5.19 4.42 9.57
N VAL A 85 -4.40 5.13 10.40
CA VAL A 85 -4.96 6.03 11.41
C VAL A 85 -5.80 7.14 10.79
N SER A 86 -5.40 7.65 9.58
CA SER A 86 -6.16 8.70 8.89
CA SER A 86 -6.16 8.71 8.90
C SER A 86 -7.61 8.26 8.64
N ILE A 87 -7.81 6.98 8.31
CA ILE A 87 -9.14 6.43 8.05
C ILE A 87 -9.83 6.04 9.37
N LEU A 88 -9.12 5.36 10.27
CA LEU A 88 -9.70 4.92 11.55
C LEU A 88 -10.27 6.05 12.37
N ARG A 89 -9.60 7.22 12.40
CA ARG A 89 -10.04 8.40 13.15
C ARG A 89 -11.45 8.84 12.76
N ARG A 90 -11.84 8.57 11.52
CA ARG A 90 -13.13 8.95 10.92
C ARG A 90 -14.28 8.00 11.23
N VAL A 91 -13.97 6.71 11.41
CA VAL A 91 -14.99 5.65 11.44
C VAL A 91 -15.49 5.35 12.86
N LYS A 92 -16.81 5.48 13.07
CA LYS A 92 -17.48 5.19 14.34
C LYS A 92 -18.81 4.52 14.00
N HIS A 93 -18.87 3.20 14.21
CA HIS A 93 -20.03 2.38 13.88
C HIS A 93 -20.00 1.12 14.75
N PRO A 94 -21.15 0.61 15.23
CA PRO A 94 -21.12 -0.59 16.07
C PRO A 94 -20.55 -1.82 15.39
N ASN A 95 -20.61 -1.91 14.04
CA ASN A 95 -20.06 -3.05 13.32
C ASN A 95 -18.65 -2.78 12.77
N ILE A 96 -17.95 -1.79 13.35
CA ILE A 96 -16.56 -1.44 13.04
C ILE A 96 -15.78 -1.37 14.36
N VAL A 97 -14.56 -1.94 14.40
CA VAL A 97 -13.73 -1.87 15.61
C VAL A 97 -13.38 -0.39 15.88
N LEU A 98 -13.67 0.10 17.07
CA LEU A 98 -13.41 1.49 17.40
C LEU A 98 -11.93 1.76 17.76
N LEU A 99 -11.36 2.87 17.24
CA LEU A 99 -10.02 3.30 17.68
C LEU A 99 -10.21 4.19 18.92
N ILE A 100 -9.50 3.88 20.04
CA ILE A 100 -9.55 4.63 21.30
C ILE A 100 -8.44 5.68 21.34
N GLU A 101 -7.19 5.25 21.16
CA GLU A 101 -6.09 6.20 21.09
C GLU A 101 -4.96 5.65 20.28
N GLU A 102 -4.08 6.54 19.86
CA GLU A 102 -2.93 6.23 19.03
C GLU A 102 -1.69 6.92 19.58
N MET A 103 -0.54 6.24 19.46
CA MET A 103 0.75 6.71 19.91
C MET A 103 1.76 6.31 18.83
N ASP A 104 2.31 7.31 18.14
CA ASP A 104 3.31 7.09 17.10
C ASP A 104 4.72 7.30 17.66
N VAL A 105 5.60 6.30 17.49
CA VAL A 105 7.02 6.36 17.89
C VAL A 105 7.85 6.13 16.60
N PRO A 106 9.15 6.49 16.50
CA PRO A 106 9.86 6.34 15.21
C PRO A 106 9.75 4.97 14.51
N THR A 107 9.86 3.86 15.25
CA THR A 107 9.88 2.51 14.67
C THR A 107 8.49 1.83 14.58
N GLU A 108 7.53 2.21 15.44
CA GLU A 108 6.22 1.56 15.38
C GLU A 108 5.05 2.49 15.77
N LEU A 109 3.84 2.03 15.50
CA LEU A 109 2.63 2.77 15.81
C LEU A 109 1.78 1.92 16.75
N TYR A 110 1.33 2.52 17.85
CA TYR A 110 0.52 1.83 18.85
C TYR A 110 -0.91 2.28 18.77
N LEU A 111 -1.84 1.32 18.64
CA LEU A 111 -3.27 1.64 18.58
C LEU A 111 -4.03 0.93 19.68
N VAL A 112 -4.70 1.70 20.54
CA VAL A 112 -5.55 1.16 21.57
C VAL A 112 -6.90 1.10 20.94
N MET A 113 -7.45 -0.10 20.84
CA MET A 113 -8.74 -0.32 20.18
CA MET A 113 -8.74 -0.28 20.19
C MET A 113 -9.69 -1.09 21.05
N GLU A 114 -10.96 -1.08 20.66
CA GLU A 114 -12.01 -1.86 21.30
C GLU A 114 -11.61 -3.34 21.24
N LEU A 115 -11.73 -4.05 22.35
CA LEU A 115 -11.37 -5.47 22.34
C LEU A 115 -12.57 -6.29 21.94
N VAL A 116 -12.36 -7.20 20.98
CA VAL A 116 -13.43 -8.09 20.57
C VAL A 116 -12.98 -9.48 21.02
N LYS A 117 -13.58 -9.94 22.11
CA LYS A 117 -13.21 -11.19 22.79
C LYS A 117 -13.43 -12.48 21.99
N GLY A 118 -14.37 -12.51 21.03
CA GLY A 118 -14.64 -13.72 20.25
C GLY A 118 -13.64 -14.15 19.17
N GLY A 119 -12.56 -13.38 19.00
CA GLY A 119 -11.54 -13.69 17.99
C GLY A 119 -12.00 -13.34 16.58
N ASP A 120 -11.34 -13.90 15.57
CA ASP A 120 -11.71 -13.52 14.20
C ASP A 120 -12.53 -14.59 13.50
N LEU A 121 -13.14 -14.20 12.37
CA LEU A 121 -14.00 -15.08 11.59
C LEU A 121 -13.21 -16.18 10.85
N PHE A 122 -11.89 -15.96 10.58
CA PHE A 122 -11.08 -17.00 9.94
C PHE A 122 -11.05 -18.22 10.89
N ASP A 123 -10.74 -17.99 12.18
CA ASP A 123 -10.69 -19.08 13.16
C ASP A 123 -12.07 -19.67 13.42
N ALA A 124 -13.11 -18.84 13.38
CA ALA A 124 -14.49 -19.29 13.59
C ALA A 124 -14.90 -20.25 12.45
N ILE A 125 -14.63 -19.87 11.18
CA ILE A 125 -14.93 -20.71 10.01
C ILE A 125 -14.14 -22.05 10.08
N THR A 126 -12.86 -22.03 10.51
CA THR A 126 -12.08 -23.29 10.60
C THR A 126 -12.65 -24.22 11.71
N SER A 127 -13.12 -23.64 12.81
CA SER A 127 -13.69 -24.39 13.93
C SER A 127 -15.10 -24.94 13.63
N THR A 128 -15.98 -24.13 13.02
CA THR A 128 -17.40 -24.46 12.78
C THR A 128 -17.71 -25.12 11.42
N ASN A 129 -16.84 -24.96 10.41
CA ASN A 129 -17.00 -25.44 9.03
C ASN A 129 -18.01 -24.56 8.23
N LYS A 130 -19.32 -24.55 8.63
CA LYS A 130 -20.37 -23.77 7.93
C LYS A 130 -21.46 -23.30 8.91
N TYR A 131 -22.28 -22.34 8.43
CA TYR A 131 -23.31 -21.71 9.23
C TYR A 131 -24.68 -21.93 8.67
N THR A 132 -25.69 -21.81 9.54
CA THR A 132 -27.08 -21.86 9.10
C THR A 132 -27.38 -20.57 8.35
N GLU A 133 -28.48 -20.56 7.60
CA GLU A 133 -28.89 -19.36 6.90
C GLU A 133 -29.25 -18.26 7.88
N ARG A 134 -29.86 -18.62 9.06
CA ARG A 134 -30.20 -17.57 10.04
C ARG A 134 -28.91 -16.87 10.53
N ASP A 135 -27.91 -17.67 10.85
CA ASP A 135 -26.62 -17.14 11.35
C ASP A 135 -25.86 -16.39 10.27
N ALA A 136 -25.80 -16.94 9.05
CA ALA A 136 -25.07 -16.29 7.94
C ALA A 136 -25.76 -14.99 7.53
N SER A 137 -27.10 -14.97 7.51
CA SER A 137 -27.82 -13.74 7.13
C SER A 137 -27.62 -12.62 8.15
N GLY A 138 -27.55 -12.97 9.44
CA GLY A 138 -27.32 -11.98 10.49
C GLY A 138 -25.92 -11.39 10.35
N MET A 139 -24.95 -12.26 10.03
CA MET A 139 -23.55 -11.86 9.83
C MET A 139 -23.44 -10.96 8.61
N LEU A 140 -24.16 -11.29 7.53
CA LEU A 140 -24.12 -10.41 6.35
C LEU A 140 -24.79 -9.06 6.67
N TYR A 141 -25.90 -9.07 7.41
CA TYR A 141 -26.52 -7.82 7.82
C TYR A 141 -25.48 -6.92 8.54
N ASN A 142 -24.71 -7.51 9.48
CA ASN A 142 -23.69 -6.77 10.21
C ASN A 142 -22.64 -6.18 9.25
N LEU A 143 -22.13 -7.03 8.37
CA LEU A 143 -21.06 -6.62 7.43
C LEU A 143 -21.59 -5.58 6.44
N ALA A 144 -22.78 -5.81 5.88
CA ALA A 144 -23.35 -4.84 4.92
C ALA A 144 -23.69 -3.52 5.62
N SER A 145 -24.05 -3.56 6.92
CA SER A 145 -24.29 -2.34 7.71
C SER A 145 -22.99 -1.52 7.81
N ALA A 146 -21.87 -2.19 8.14
CA ALA A 146 -20.55 -1.56 8.21
C ALA A 146 -20.17 -0.96 6.88
N ILE A 147 -20.36 -1.73 5.80
CA ILE A 147 -19.99 -1.29 4.43
C ILE A 147 -20.85 -0.10 4.01
N LYS A 148 -22.15 -0.17 4.26
CA LYS A 148 -23.04 0.97 3.94
C LYS A 148 -22.52 2.25 4.60
N TYR A 149 -22.15 2.18 5.89
CA TYR A 149 -21.63 3.34 6.60
C TYR A 149 -20.31 3.84 5.94
N LEU A 150 -19.36 2.92 5.67
CA LEU A 150 -18.08 3.35 5.04
C LEU A 150 -18.34 4.00 3.70
N HIS A 151 -19.19 3.38 2.87
CA HIS A 151 -19.45 3.89 1.53
C HIS A 151 -20.16 5.25 1.59
N SER A 152 -20.96 5.52 2.67
CA SER A 152 -21.58 6.84 2.83
C SER A 152 -20.52 7.93 3.03
N LEU A 153 -19.35 7.53 3.55
CA LEU A 153 -18.20 8.41 3.76
C LEU A 153 -17.16 8.31 2.61
N ASN A 154 -17.51 7.61 1.51
CA ASN A 154 -16.67 7.44 0.33
C ASN A 154 -15.39 6.65 0.65
N ILE A 155 -15.46 5.79 1.67
CA ILE A 155 -14.32 4.98 2.07
C ILE A 155 -14.51 3.57 1.53
N VAL A 156 -13.48 3.07 0.80
CA VAL A 156 -13.46 1.67 0.34
C VAL A 156 -12.51 0.94 1.30
N HIS A 157 -12.91 -0.23 1.80
CA HIS A 157 -12.08 -0.94 2.77
C HIS A 157 -10.93 -1.71 2.06
N ARG A 158 -11.25 -2.44 0.97
CA ARG A 158 -10.32 -3.20 0.10
C ARG A 158 -9.65 -4.43 0.77
N ASP A 159 -10.00 -4.75 2.04
CA ASP A 159 -9.38 -5.93 2.62
C ASP A 159 -10.38 -6.68 3.47
N ILE A 160 -11.62 -6.73 2.99
CA ILE A 160 -12.67 -7.46 3.68
C ILE A 160 -12.49 -8.95 3.43
N LYS A 161 -12.27 -9.70 4.52
CA LYS A 161 -12.07 -11.15 4.49
C LYS A 161 -12.19 -11.64 5.93
N PRO A 162 -12.36 -12.95 6.13
CA PRO A 162 -12.63 -13.47 7.48
C PRO A 162 -11.60 -13.10 8.55
N GLU A 163 -10.29 -13.09 8.21
CA GLU A 163 -9.30 -12.76 9.26
C GLU A 163 -9.42 -11.31 9.76
N ASN A 164 -10.08 -10.44 8.97
CA ASN A 164 -10.31 -9.03 9.30
C ASN A 164 -11.73 -8.77 9.83
N LEU A 165 -12.46 -9.84 10.17
CA LEU A 165 -13.80 -9.69 10.77
C LEU A 165 -13.74 -10.30 12.15
N LEU A 166 -14.15 -9.55 13.15
CA LEU A 166 -14.08 -10.00 14.54
C LEU A 166 -15.46 -10.36 15.05
N VAL A 167 -15.50 -11.39 15.90
CA VAL A 167 -16.79 -11.93 16.36
C VAL A 167 -17.08 -11.38 17.74
N TYR A 168 -18.07 -10.51 17.83
CA TYR A 168 -18.45 -9.95 19.13
C TYR A 168 -19.45 -10.87 19.76
N GLU A 169 -19.23 -11.26 21.03
CA GLU A 169 -20.16 -12.13 21.74
C GLU A 169 -20.94 -11.33 22.78
N HIS A 170 -22.26 -11.33 22.60
CA HIS A 170 -23.19 -10.62 23.47
C HIS A 170 -23.32 -11.35 24.80
N GLN A 171 -23.81 -10.67 25.85
CA GLN A 171 -24.04 -11.29 27.18
C GLN A 171 -24.95 -12.54 27.12
N ASP A 172 -25.91 -12.62 26.16
CA ASP A 172 -26.84 -13.74 26.00
C ASP A 172 -26.31 -14.91 25.13
N GLY A 173 -25.10 -14.76 24.58
CA GLY A 173 -24.52 -15.79 23.75
C GLY A 173 -24.61 -15.55 22.26
N SER A 174 -25.44 -14.57 21.85
CA SER A 174 -25.58 -14.24 20.42
C SER A 174 -24.28 -13.55 19.95
N LYS A 175 -24.06 -13.54 18.66
CA LYS A 175 -22.85 -12.96 18.10
C LYS A 175 -23.15 -11.93 17.00
N SER A 176 -22.24 -10.96 16.85
CA SER A 176 -22.28 -9.91 15.82
C SER A 176 -20.90 -9.75 15.21
N LEU A 177 -20.79 -9.38 13.95
CA LEU A 177 -19.48 -9.16 13.37
C LEU A 177 -19.05 -7.69 13.49
N LYS A 178 -17.75 -7.46 13.62
CA LYS A 178 -17.17 -6.11 13.61
C LYS A 178 -16.05 -6.11 12.60
N LEU A 179 -16.05 -5.14 11.71
CA LEU A 179 -15.02 -5.04 10.70
C LEU A 179 -13.78 -4.33 11.23
N GLY A 180 -12.61 -4.94 11.01
CA GLY A 180 -11.34 -4.34 11.42
C GLY A 180 -10.36 -4.21 10.25
N ASP A 181 -9.09 -3.98 10.59
CA ASP A 181 -7.94 -3.88 9.70
C ASP A 181 -8.16 -2.93 8.52
N PHE A 182 -7.99 -1.65 8.79
CA PHE A 182 -8.16 -0.63 7.77
C PHE A 182 -6.81 -0.32 7.07
N GLY A 183 -5.90 -1.30 7.02
CA GLY A 183 -4.57 -1.09 6.44
C GLY A 183 -4.56 -0.73 4.96
N LEU A 184 -5.56 -1.22 4.20
CA LEU A 184 -5.63 -0.89 2.74
C LEU A 184 -6.75 0.10 2.42
N ALA A 185 -7.47 0.57 3.45
CA ALA A 185 -8.62 1.43 3.20
C ALA A 185 -8.22 2.78 2.61
N THR A 186 -9.07 3.34 1.74
CA THR A 186 -8.82 4.68 1.21
C THR A 186 -10.12 5.37 0.81
N ILE A 187 -10.01 6.62 0.35
CA ILE A 187 -11.16 7.39 -0.13
C ILE A 187 -11.29 7.23 -1.64
N VAL A 188 -12.51 6.99 -2.11
CA VAL A 188 -12.81 6.85 -3.52
C VAL A 188 -13.31 8.21 -4.03
N ASP A 189 -12.51 8.83 -4.90
CA ASP A 189 -12.85 10.10 -5.59
C ASP A 189 -12.39 9.92 -7.04
N GLY A 190 -13.18 9.15 -7.79
CA GLY A 190 -12.82 8.71 -9.12
C GLY A 190 -12.25 7.30 -9.03
N PRO A 191 -12.08 6.61 -10.18
CA PRO A 191 -11.60 5.22 -10.14
C PRO A 191 -10.21 5.02 -9.58
N LEU A 192 -10.04 3.91 -8.85
CA LEU A 192 -8.76 3.47 -8.28
C LEU A 192 -8.18 2.39 -9.15
N TYR A 193 -6.86 2.21 -9.11
CA TYR A 193 -6.18 1.21 -9.94
C TYR A 193 -5.20 0.31 -9.19
N THR A 194 -4.81 0.64 -7.96
CA THR A 194 -3.86 -0.23 -7.24
C THR A 194 -4.36 -1.66 -7.11
N VAL A 195 -3.57 -2.61 -7.65
CA VAL A 195 -3.88 -4.03 -7.56
C VAL A 195 -3.50 -4.47 -6.15
N CYS A 196 -4.49 -4.83 -5.35
CA CYS A 196 -4.26 -5.22 -3.96
C CYS A 196 -5.39 -6.12 -3.50
N GLY A 197 -5.12 -6.88 -2.46
CA GLY A 197 -6.13 -7.78 -1.87
C GLY A 197 -5.69 -9.21 -1.83
N THR A 198 -6.63 -10.08 -1.49
CA THR A 198 -6.43 -11.53 -1.39
C THR A 198 -7.13 -12.15 -2.59
N PRO A 199 -6.43 -13.03 -3.35
CA PRO A 199 -7.02 -13.62 -4.57
C PRO A 199 -8.43 -14.18 -4.38
N THR A 200 -8.72 -14.86 -3.26
CA THR A 200 -10.05 -15.46 -3.08
C THR A 200 -11.19 -14.41 -3.08
N TYR A 201 -10.91 -13.24 -2.51
CA TYR A 201 -11.90 -12.19 -2.26
C TYR A 201 -11.86 -11.00 -3.25
N VAL A 202 -10.87 -10.95 -4.17
CA VAL A 202 -10.64 -9.79 -5.05
C VAL A 202 -11.66 -9.68 -6.20
N ALA A 203 -12.25 -8.48 -6.40
CA ALA A 203 -13.24 -8.21 -7.45
C ALA A 203 -12.58 -8.24 -8.84
N PRO A 204 -13.32 -8.69 -9.86
CA PRO A 204 -12.71 -8.80 -11.21
C PRO A 204 -12.15 -7.48 -11.75
N GLU A 205 -12.83 -6.34 -11.48
CA GLU A 205 -12.34 -5.05 -11.97
C GLU A 205 -10.97 -4.71 -11.38
N ILE A 206 -10.65 -5.18 -10.15
CA ILE A 206 -9.31 -4.93 -9.62
C ILE A 206 -8.24 -5.66 -10.49
N ILE A 207 -8.43 -7.00 -10.74
CA ILE A 207 -7.52 -7.83 -11.52
C ILE A 207 -7.48 -7.34 -12.99
N ALA A 208 -8.61 -6.85 -13.50
CA ALA A 208 -8.75 -6.40 -14.90
C ALA A 208 -8.02 -5.07 -15.16
N GLU A 209 -7.74 -4.31 -14.08
CA GLU A 209 -7.04 -3.01 -14.07
C GLU A 209 -7.79 -1.97 -14.93
N THR A 210 -9.13 -2.05 -14.97
CA THR A 210 -9.94 -1.11 -15.73
C THR A 210 -10.56 0.03 -14.86
N GLY A 211 -10.22 0.08 -13.56
CA GLY A 211 -10.72 1.10 -12.65
C GLY A 211 -11.76 0.54 -11.71
N TYR A 212 -11.62 0.82 -10.41
CA TYR A 212 -12.58 0.26 -9.47
C TYR A 212 -12.98 1.26 -8.39
N GLY A 213 -14.03 0.91 -7.65
CA GLY A 213 -14.45 1.80 -6.57
C GLY A 213 -14.99 1.04 -5.39
N LEU A 214 -16.00 1.65 -4.77
CA LEU A 214 -16.56 1.14 -3.52
C LEU A 214 -17.09 -0.28 -3.60
N LYS A 215 -17.70 -0.68 -4.74
CA LYS A 215 -18.34 -1.97 -4.81
C LYS A 215 -17.39 -3.17 -4.82
N VAL A 216 -16.03 -2.97 -4.77
CA VAL A 216 -15.15 -4.14 -4.61
C VAL A 216 -15.45 -4.77 -3.23
N ASP A 217 -15.92 -3.93 -2.28
CA ASP A 217 -16.25 -4.39 -0.92
C ASP A 217 -17.46 -5.32 -0.92
N ILE A 218 -18.44 -5.06 -1.82
CA ILE A 218 -19.66 -5.91 -1.93
C ILE A 218 -19.24 -7.28 -2.48
N TRP A 219 -18.37 -7.28 -3.52
CA TRP A 219 -17.86 -8.55 -4.09
C TRP A 219 -17.21 -9.39 -2.94
N ALA A 220 -16.34 -8.76 -2.15
CA ALA A 220 -15.70 -9.45 -1.01
C ALA A 220 -16.74 -10.02 -0.06
N ALA A 221 -17.78 -9.22 0.26
CA ALA A 221 -18.86 -9.64 1.14
C ALA A 221 -19.64 -10.84 0.55
N GLY A 222 -19.83 -10.85 -0.77
CA GLY A 222 -20.49 -11.93 -1.50
C GLY A 222 -19.72 -13.24 -1.36
N VAL A 223 -18.38 -13.16 -1.50
CA VAL A 223 -17.51 -14.33 -1.37
C VAL A 223 -17.57 -14.87 0.06
N ILE A 224 -17.52 -13.97 1.04
CA ILE A 224 -17.61 -14.36 2.45
C ILE A 224 -18.94 -15.06 2.71
N THR A 225 -20.06 -14.46 2.22
CA THR A 225 -21.41 -15.05 2.46
C THR A 225 -21.48 -16.46 1.86
N TYR A 226 -20.89 -16.62 0.67
CA TYR A 226 -20.83 -17.94 0.01
C TYR A 226 -20.09 -18.96 0.93
N ILE A 227 -18.90 -18.56 1.46
CA ILE A 227 -18.10 -19.41 2.34
C ILE A 227 -18.87 -19.76 3.62
N LEU A 228 -19.58 -18.77 4.21
CA LEU A 228 -20.36 -19.00 5.44
C LEU A 228 -21.37 -20.12 5.30
N LEU A 229 -22.01 -20.21 4.14
CA LEU A 229 -23.08 -21.20 3.92
C LEU A 229 -22.60 -22.59 3.50
N CYS A 230 -21.38 -22.73 2.95
CA CYS A 230 -20.95 -24.07 2.49
C CYS A 230 -19.55 -24.50 2.99
N GLY A 231 -18.76 -23.56 3.50
CA GLY A 231 -17.41 -23.85 4.02
C GLY A 231 -16.28 -23.74 3.02
N PHE A 232 -16.58 -23.44 1.75
CA PHE A 232 -15.53 -23.27 0.71
C PHE A 232 -15.87 -22.07 -0.21
N PRO A 233 -14.85 -21.47 -0.86
CA PRO A 233 -15.10 -20.27 -1.69
C PRO A 233 -15.70 -20.58 -3.08
N PRO A 234 -16.35 -19.56 -3.71
CA PRO A 234 -16.98 -19.76 -5.01
C PRO A 234 -15.97 -19.86 -6.17
N PHE A 235 -14.80 -19.23 -6.02
CA PHE A 235 -13.75 -19.28 -7.04
C PHE A 235 -12.55 -19.90 -6.40
N ARG A 236 -12.22 -21.16 -6.78
CA ARG A 236 -11.13 -21.88 -6.10
C ARG A 236 -9.92 -22.12 -7.00
N GLY A 237 -10.09 -21.96 -8.31
CA GLY A 237 -9.02 -22.14 -9.27
C GLY A 237 -8.53 -23.57 -9.36
N SER A 238 -7.27 -23.75 -9.76
CA SER A 238 -6.66 -25.07 -9.95
C SER A 238 -5.27 -25.13 -9.33
N GLU A 243 -3.92 -18.90 -12.24
CA GLU A 243 -4.45 -18.51 -13.55
C GLU A 243 -5.94 -18.87 -13.72
N VAL A 244 -6.31 -20.12 -13.39
CA VAL A 244 -7.70 -20.57 -13.48
C VAL A 244 -8.51 -19.75 -12.48
N LEU A 245 -7.94 -19.49 -11.29
CA LEU A 245 -8.63 -18.67 -10.28
C LEU A 245 -9.00 -17.29 -10.85
N PHE A 246 -8.03 -16.58 -11.44
CA PHE A 246 -8.30 -15.25 -11.99
C PHE A 246 -9.26 -15.30 -13.17
N ASP A 247 -9.17 -16.35 -14.01
CA ASP A 247 -10.13 -16.51 -15.10
C ASP A 247 -11.52 -16.73 -14.56
N GLN A 248 -11.64 -17.53 -13.49
CA GLN A 248 -12.93 -17.81 -12.84
C GLN A 248 -13.53 -16.50 -12.32
N ILE A 249 -12.70 -15.67 -11.68
CA ILE A 249 -13.16 -14.38 -11.14
C ILE A 249 -13.59 -13.45 -12.27
N LEU A 250 -12.77 -13.33 -13.34
CA LEU A 250 -13.12 -12.43 -14.44
C LEU A 250 -14.41 -12.83 -15.15
N MET A 251 -14.72 -14.11 -15.19
CA MET A 251 -15.94 -14.61 -15.85
C MET A 251 -17.13 -14.56 -14.89
N GLY A 252 -16.86 -14.61 -13.59
CA GLY A 252 -17.88 -14.52 -12.55
C GLY A 252 -18.99 -15.55 -12.57
N GLN A 253 -18.70 -16.80 -13.00
CA GLN A 253 -19.80 -17.76 -12.97
C GLN A 253 -19.82 -18.40 -11.59
N VAL A 254 -20.85 -18.05 -10.83
CA VAL A 254 -21.06 -18.56 -9.47
C VAL A 254 -21.84 -19.84 -9.53
N ASP A 255 -21.24 -20.95 -9.11
CA ASP A 255 -21.95 -22.23 -9.08
C ASP A 255 -22.37 -22.51 -7.65
N PHE A 256 -23.47 -23.26 -7.44
CA PHE A 256 -23.91 -23.66 -6.08
C PHE A 256 -23.97 -25.23 -6.13
N PRO A 257 -22.78 -25.88 -6.02
CA PRO A 257 -22.71 -27.34 -6.26
C PRO A 257 -23.46 -28.21 -5.27
N SER A 258 -24.01 -29.33 -5.81
CA SER A 258 -24.71 -30.37 -5.07
C SER A 258 -23.68 -31.33 -4.45
N PRO A 259 -23.94 -31.90 -3.24
CA PRO A 259 -25.14 -31.73 -2.43
C PRO A 259 -25.05 -30.52 -1.50
N TYR A 260 -23.84 -29.94 -1.35
CA TYR A 260 -23.51 -28.86 -0.43
C TYR A 260 -24.55 -27.74 -0.40
N TRP A 261 -25.06 -27.31 -1.56
CA TRP A 261 -26.00 -26.18 -1.64
C TRP A 261 -27.45 -26.57 -1.86
N ASP A 262 -27.77 -27.87 -1.84
CA ASP A 262 -29.13 -28.31 -2.13
C ASP A 262 -30.16 -27.82 -1.13
N ASN A 263 -29.81 -27.75 0.17
CA ASN A 263 -30.75 -27.32 1.22
C ASN A 263 -30.70 -25.81 1.45
N VAL A 264 -29.88 -25.07 0.65
CA VAL A 264 -29.81 -23.61 0.80
C VAL A 264 -30.89 -23.00 -0.04
N SER A 265 -31.59 -21.99 0.53
CA SER A 265 -32.70 -21.33 -0.16
C SER A 265 -32.32 -20.62 -1.44
N ASP A 266 -33.30 -20.51 -2.36
CA ASP A 266 -33.16 -19.74 -3.59
C ASP A 266 -32.91 -18.27 -3.27
N SER A 267 -33.52 -17.77 -2.18
CA SER A 267 -33.34 -16.35 -1.78
C SER A 267 -31.85 -16.05 -1.47
N ALA A 268 -31.18 -16.94 -0.74
CA ALA A 268 -29.75 -16.77 -0.40
C ALA A 268 -28.91 -16.80 -1.68
N LYS A 269 -29.22 -17.74 -2.59
CA LYS A 269 -28.49 -17.88 -3.85
C LYS A 269 -28.64 -16.64 -4.73
N GLU A 270 -29.87 -16.08 -4.77
CA GLU A 270 -30.16 -14.91 -5.58
C GLU A 270 -29.36 -13.71 -5.07
N LEU A 271 -29.36 -13.50 -3.75
CA LEU A 271 -28.60 -12.39 -3.15
C LEU A 271 -27.09 -12.57 -3.43
N ILE A 272 -26.55 -13.77 -3.20
CA ILE A 272 -25.11 -13.97 -3.46
C ILE A 272 -24.80 -13.68 -4.95
N THR A 273 -25.69 -14.13 -5.86
CA THR A 273 -25.52 -13.86 -7.29
C THR A 273 -25.44 -12.34 -7.59
N MET A 274 -26.35 -11.53 -7.01
CA MET A 274 -26.39 -10.07 -7.24
C MET A 274 -25.15 -9.37 -6.66
N MET A 275 -24.54 -9.95 -5.61
CA MET A 275 -23.32 -9.36 -5.01
C MET A 275 -22.08 -9.70 -5.83
N LEU A 276 -22.16 -10.79 -6.61
CA LEU A 276 -21.02 -11.32 -7.37
C LEU A 276 -21.20 -11.11 -8.90
N LEU A 277 -21.83 -10.00 -9.27
CA LEU A 277 -21.96 -9.67 -10.69
C LEU A 277 -20.71 -8.98 -11.16
N VAL A 278 -20.20 -9.40 -12.33
CA VAL A 278 -19.00 -8.76 -12.89
C VAL A 278 -19.31 -7.30 -13.27
N ASP A 279 -20.52 -7.04 -13.80
CA ASP A 279 -20.93 -5.69 -14.16
C ASP A 279 -21.17 -4.88 -12.89
N VAL A 280 -20.26 -3.94 -12.60
CA VAL A 280 -20.27 -3.15 -11.37
C VAL A 280 -21.59 -2.38 -11.22
N ASP A 281 -22.16 -1.88 -12.34
CA ASP A 281 -23.43 -1.12 -12.26
C ASP A 281 -24.63 -2.00 -11.91
N GLN A 282 -24.62 -3.28 -12.29
CA GLN A 282 -25.69 -4.20 -11.93
C GLN A 282 -25.46 -4.75 -10.52
N ARG A 283 -24.17 -4.97 -10.12
CA ARG A 283 -23.85 -5.47 -8.78
C ARG A 283 -24.55 -4.61 -7.70
N PHE A 284 -25.07 -5.25 -6.65
CA PHE A 284 -25.71 -4.54 -5.56
C PHE A 284 -24.77 -3.59 -4.84
N SER A 285 -25.34 -2.46 -4.39
CA SER A 285 -24.73 -1.55 -3.45
C SER A 285 -24.94 -2.17 -2.05
N ALA A 286 -24.31 -1.60 -1.01
CA ALA A 286 -24.57 -2.09 0.37
C ALA A 286 -26.04 -1.89 0.75
N VAL A 287 -26.64 -0.78 0.30
CA VAL A 287 -28.05 -0.47 0.53
C VAL A 287 -28.93 -1.56 -0.09
N GLN A 288 -28.64 -1.98 -1.32
CA GLN A 288 -29.43 -3.03 -1.97
C GLN A 288 -29.32 -4.36 -1.23
N VAL A 289 -28.13 -4.67 -0.70
CA VAL A 289 -27.92 -5.90 0.08
C VAL A 289 -28.82 -5.84 1.32
N LEU A 290 -28.77 -4.71 2.05
CA LEU A 290 -29.55 -4.55 3.28
C LEU A 290 -31.06 -4.58 3.03
N GLU A 291 -31.49 -4.27 1.81
CA GLU A 291 -32.91 -4.25 1.44
C GLU A 291 -33.40 -5.61 0.94
N HIS A 292 -32.47 -6.55 0.68
CA HIS A 292 -32.83 -7.86 0.16
C HIS A 292 -33.56 -8.70 1.23
N PRO A 293 -34.65 -9.42 0.85
CA PRO A 293 -35.41 -10.22 1.82
C PRO A 293 -34.60 -11.22 2.64
N TRP A 294 -33.49 -11.78 2.10
CA TRP A 294 -32.72 -12.77 2.86
C TRP A 294 -32.12 -12.18 4.16
N VAL A 295 -31.81 -10.88 4.18
CA VAL A 295 -31.18 -10.27 5.37
C VAL A 295 -32.24 -9.55 6.25
N ASN A 296 -33.53 -9.64 5.90
CA ASN A 296 -34.61 -8.99 6.65
C ASN A 296 -35.54 -10.00 7.31
N ILE B 30 14.30 -20.82 -5.17
CA ILE B 30 14.11 -20.16 -6.45
C ILE B 30 13.51 -21.17 -7.46
N PRO B 31 12.44 -20.82 -8.23
CA PRO B 31 11.86 -21.78 -9.20
C PRO B 31 12.87 -22.26 -10.23
N ALA B 32 12.68 -23.53 -10.70
CA ALA B 32 13.54 -24.18 -11.69
C ALA B 32 13.55 -23.39 -13.01
N THR B 33 12.42 -22.74 -13.38
CA THR B 33 12.33 -21.94 -14.60
C THR B 33 13.35 -20.77 -14.55
N ILE B 34 13.63 -20.24 -13.34
CA ILE B 34 14.60 -19.13 -13.18
C ILE B 34 16.02 -19.69 -13.17
N THR B 35 16.32 -20.65 -12.26
CA THR B 35 17.67 -21.22 -12.11
C THR B 35 18.14 -21.92 -13.39
N GLU B 36 17.24 -22.47 -14.21
CA GLU B 36 17.64 -23.09 -15.48
C GLU B 36 18.22 -22.04 -16.45
N ARG B 37 17.65 -20.82 -16.48
CA ARG B 37 18.11 -19.82 -17.45
C ARG B 37 19.01 -18.76 -16.87
N TYR B 38 19.03 -18.64 -15.54
CA TYR B 38 19.87 -17.66 -14.86
C TYR B 38 20.70 -18.22 -13.72
N LYS B 39 21.94 -17.77 -13.63
CA LYS B 39 22.82 -18.09 -12.53
C LYS B 39 22.68 -16.98 -11.52
N VAL B 40 22.03 -17.27 -10.38
CA VAL B 40 21.82 -16.23 -9.37
C VAL B 40 23.08 -15.99 -8.53
N GLY B 41 23.45 -14.72 -8.39
CA GLY B 41 24.62 -14.22 -7.66
C GLY B 41 24.32 -13.55 -6.35
N ARG B 42 25.18 -12.61 -5.95
CA ARG B 42 25.14 -11.92 -4.67
C ARG B 42 24.03 -10.89 -4.55
N THR B 43 23.62 -10.60 -3.32
CA THR B 43 22.66 -9.55 -3.00
C THR B 43 23.33 -8.20 -3.24
N ILE B 44 22.65 -7.29 -3.93
CA ILE B 44 23.21 -5.94 -4.18
C ILE B 44 22.29 -4.89 -3.58
N GLY B 45 21.16 -5.34 -3.09
CA GLY B 45 20.19 -4.44 -2.52
C GLY B 45 19.17 -5.14 -1.68
N ASP B 46 18.68 -4.41 -0.69
CA ASP B 46 17.66 -4.94 0.19
CA ASP B 46 17.67 -4.95 0.19
C ASP B 46 16.60 -3.88 0.44
N GLY B 47 15.45 -4.35 0.87
CA GLY B 47 14.30 -3.53 1.20
C GLY B 47 13.50 -4.23 2.26
N ASN B 48 12.29 -3.73 2.53
CA ASN B 48 11.40 -4.28 3.54
C ASN B 48 10.92 -5.71 3.20
N PHE B 49 10.41 -5.94 1.97
CA PHE B 49 9.92 -7.26 1.58
C PHE B 49 10.57 -7.77 0.30
N ALA B 50 11.71 -7.17 -0.12
CA ALA B 50 12.39 -7.61 -1.34
C ALA B 50 13.89 -7.61 -1.21
N VAL B 51 14.53 -8.51 -1.96
CA VAL B 51 15.99 -8.62 -2.07
C VAL B 51 16.31 -8.49 -3.56
N VAL B 52 17.41 -7.83 -3.89
CA VAL B 52 17.84 -7.68 -5.30
C VAL B 52 19.17 -8.37 -5.41
N LYS B 53 19.29 -9.27 -6.38
CA LYS B 53 20.53 -10.01 -6.59
C LYS B 53 21.07 -9.78 -7.98
N GLU B 54 22.39 -9.93 -8.13
CA GLU B 54 23.02 -9.96 -9.44
C GLU B 54 22.71 -11.32 -10.03
N CYS B 55 22.56 -11.42 -11.34
CA CYS B 55 22.40 -12.74 -11.95
C CYS B 55 22.95 -12.68 -13.35
N VAL B 56 23.21 -13.84 -13.94
CA VAL B 56 23.78 -13.95 -15.29
C VAL B 56 22.85 -14.80 -16.13
N GLU B 57 22.48 -14.34 -17.36
CA GLU B 57 21.70 -15.19 -18.26
C GLU B 57 22.67 -16.25 -18.84
N ARG B 58 22.44 -17.54 -18.54
CA ARG B 58 23.36 -18.62 -18.91
C ARG B 58 23.66 -18.66 -20.41
N SER B 59 22.62 -18.51 -21.23
CA SER B 59 22.75 -18.62 -22.70
C SER B 59 23.60 -17.51 -23.34
N THR B 60 23.69 -16.31 -22.75
CA THR B 60 24.42 -15.16 -23.32
C THR B 60 25.58 -14.63 -22.48
N ALA B 61 25.66 -15.05 -21.19
CA ALA B 61 26.59 -14.57 -20.17
C ALA B 61 26.31 -13.07 -19.83
N ARG B 62 25.13 -12.53 -20.24
CA ARG B 62 24.77 -11.13 -19.93
C ARG B 62 24.35 -11.00 -18.48
N GLU B 63 24.67 -9.85 -17.85
CA GLU B 63 24.32 -9.61 -16.43
C GLU B 63 23.00 -8.87 -16.30
N TYR B 64 22.21 -9.26 -15.30
CA TYR B 64 20.90 -8.69 -14.97
C TYR B 64 20.77 -8.60 -13.48
N ALA B 65 19.71 -7.94 -13.04
CA ALA B 65 19.34 -7.83 -11.62
C ALA B 65 18.08 -8.65 -11.45
N LEU B 66 18.01 -9.41 -10.35
CA LEU B 66 16.88 -10.24 -10.03
C LEU B 66 16.25 -9.74 -8.73
N LYS B 67 15.06 -9.13 -8.83
CA LYS B 67 14.32 -8.66 -7.65
C LYS B 67 13.40 -9.76 -7.20
N ILE B 68 13.53 -10.16 -5.93
CA ILE B 68 12.69 -11.23 -5.34
C ILE B 68 11.80 -10.55 -4.35
N ILE B 69 10.50 -10.55 -4.61
CA ILE B 69 9.53 -9.88 -3.74
C ILE B 69 8.81 -10.91 -2.90
N LYS B 70 8.92 -10.81 -1.58
CA LYS B 70 8.21 -11.69 -0.66
C LYS B 70 6.76 -11.19 -0.57
N LYS B 71 5.81 -12.04 -0.92
CA LYS B 71 4.40 -11.61 -0.86
C LYS B 71 3.85 -11.67 0.58
N SER B 72 2.91 -10.76 0.93
CA SER B 72 2.27 -10.73 2.26
C SER B 72 1.50 -12.04 2.46
N LYS B 73 1.85 -12.80 3.52
CA LYS B 73 1.25 -14.09 3.86
C LYS B 73 -0.07 -13.99 4.67
N CYS B 74 -1.21 -14.47 4.13
CA CYS B 74 -2.50 -14.43 4.83
C CYS B 74 -2.66 -15.65 5.73
N ARG B 75 -3.80 -15.68 6.44
CA ARG B 75 -4.20 -16.87 7.19
C ARG B 75 -4.58 -17.87 6.12
N GLY B 76 -4.23 -19.13 6.31
CA GLY B 76 -4.45 -20.12 5.28
C GLY B 76 -3.21 -20.21 4.41
N LYS B 77 -3.37 -20.56 3.13
CA LYS B 77 -2.22 -20.76 2.24
C LYS B 77 -2.07 -19.69 1.15
N GLU B 78 -2.97 -18.69 1.11
CA GLU B 78 -2.88 -17.66 0.08
C GLU B 78 -2.02 -16.47 0.50
N HIS B 79 -1.50 -15.75 -0.52
CA HIS B 79 -0.72 -14.56 -0.32
C HIS B 79 -1.38 -13.40 -1.06
N MET B 80 -1.17 -12.18 -0.58
CA MET B 80 -1.78 -10.99 -1.15
C MET B 80 -1.17 -10.62 -2.50
N ILE B 81 -2.00 -10.03 -3.38
CA ILE B 81 -1.56 -9.66 -4.72
C ILE B 81 -0.78 -8.34 -4.67
N GLN B 82 0.04 -8.11 -5.71
CA GLN B 82 0.99 -6.99 -5.83
C GLN B 82 0.61 -6.05 -6.96
N ASN B 83 0.94 -4.75 -6.83
CA ASN B 83 0.66 -3.78 -7.90
C ASN B 83 1.91 -3.45 -8.73
N GLU B 84 3.11 -3.64 -8.17
CA GLU B 84 4.36 -3.21 -8.84
C GLU B 84 4.49 -3.66 -10.32
N VAL B 85 4.30 -4.96 -10.59
CA VAL B 85 4.44 -5.49 -11.93
C VAL B 85 3.37 -4.91 -12.88
N SER B 86 2.13 -4.60 -12.38
CA SER B 86 1.06 -4.00 -13.17
C SER B 86 1.51 -2.68 -13.78
N ILE B 87 2.28 -1.92 -13.02
CA ILE B 87 2.80 -0.64 -13.53
C ILE B 87 4.08 -0.86 -14.37
N LEU B 88 5.01 -1.68 -13.89
CA LEU B 88 6.28 -1.94 -14.57
C LEU B 88 6.11 -2.43 -15.98
N ARG B 89 5.13 -3.32 -16.22
CA ARG B 89 4.86 -3.91 -17.53
C ARG B 89 4.50 -2.85 -18.58
N ARG B 90 3.87 -1.74 -18.15
CA ARG B 90 3.37 -0.68 -19.03
C ARG B 90 4.35 0.46 -19.28
N VAL B 91 5.52 0.50 -18.61
CA VAL B 91 6.43 1.64 -18.77
C VAL B 91 7.76 1.25 -19.42
N LYS B 92 8.21 2.06 -20.38
CA LYS B 92 9.48 1.84 -21.07
C LYS B 92 10.08 3.19 -21.39
N HIS B 93 11.24 3.50 -20.77
CA HIS B 93 11.87 4.81 -20.97
C HIS B 93 13.36 4.68 -20.71
N PRO B 94 14.22 5.42 -21.44
CA PRO B 94 15.68 5.31 -21.18
C PRO B 94 16.08 5.57 -19.73
N ASN B 95 15.30 6.38 -18.97
CA ASN B 95 15.65 6.70 -17.59
C ASN B 95 14.70 6.02 -16.57
N ILE B 96 14.09 4.89 -16.98
CA ILE B 96 13.29 4.02 -16.10
C ILE B 96 13.91 2.63 -16.18
N VAL B 97 14.17 2.01 -15.01
CA VAL B 97 14.78 0.67 -15.00
C VAL B 97 13.91 -0.28 -15.82
N LEU B 98 14.51 -1.04 -16.72
CA LEU B 98 13.73 -1.92 -17.56
C LEU B 98 13.40 -3.28 -16.93
N LEU B 99 12.15 -3.72 -17.10
CA LEU B 99 11.67 -5.04 -16.68
C LEU B 99 11.93 -5.98 -17.85
N ILE B 100 12.71 -7.07 -17.64
CA ILE B 100 13.05 -8.03 -18.71
C ILE B 100 11.99 -9.10 -18.75
N GLU B 101 11.68 -9.68 -17.59
CA GLU B 101 10.66 -10.71 -17.45
C GLU B 101 10.23 -10.87 -16.02
N GLU B 102 9.06 -11.48 -15.85
CA GLU B 102 8.51 -11.68 -14.54
C GLU B 102 8.07 -13.14 -14.36
N MET B 103 8.17 -13.64 -13.14
CA MET B 103 7.70 -14.97 -12.78
C MET B 103 6.93 -14.87 -11.48
N ASP B 104 5.68 -15.32 -11.49
CA ASP B 104 4.88 -15.30 -10.27
C ASP B 104 4.78 -16.70 -9.69
N VAL B 105 5.12 -16.84 -8.41
CA VAL B 105 5.08 -18.10 -7.67
C VAL B 105 4.12 -17.89 -6.46
N PRO B 106 3.55 -18.93 -5.79
CA PRO B 106 2.59 -18.66 -4.69
C PRO B 106 3.07 -17.74 -3.57
N THR B 107 4.37 -17.83 -3.18
CA THR B 107 4.89 -17.06 -2.04
C THR B 107 5.73 -15.82 -2.46
N GLU B 108 6.27 -15.80 -3.69
CA GLU B 108 7.10 -14.65 -4.08
C GLU B 108 6.96 -14.31 -5.57
N LEU B 109 7.35 -13.07 -5.92
CA LEU B 109 7.34 -12.56 -7.29
C LEU B 109 8.78 -12.35 -7.73
N TYR B 110 9.15 -12.89 -8.91
CA TYR B 110 10.51 -12.73 -9.46
C TYR B 110 10.50 -11.76 -10.61
N LEU B 111 11.37 -10.72 -10.54
CA LEU B 111 11.48 -9.74 -11.61
C LEU B 111 12.92 -9.68 -12.10
N VAL B 112 13.13 -10.01 -13.38
CA VAL B 112 14.45 -9.88 -14.00
C VAL B 112 14.47 -8.51 -14.58
N MET B 113 15.47 -7.73 -14.19
CA MET B 113 15.55 -6.31 -14.59
C MET B 113 16.93 -5.97 -15.12
N GLU B 114 17.04 -4.85 -15.84
CA GLU B 114 18.35 -4.42 -16.29
C GLU B 114 19.20 -4.17 -15.05
N LEU B 115 20.47 -4.53 -15.09
CA LEU B 115 21.38 -4.28 -13.97
C LEU B 115 22.01 -2.90 -14.10
N VAL B 116 21.98 -2.12 -13.03
CA VAL B 116 22.65 -0.81 -13.03
C VAL B 116 23.76 -0.95 -12.01
N LYS B 117 24.99 -1.27 -12.50
CA LYS B 117 26.11 -1.58 -11.60
C LYS B 117 26.56 -0.44 -10.68
N GLY B 118 26.24 0.81 -11.02
CA GLY B 118 26.61 1.96 -10.19
C GLY B 118 25.90 2.02 -8.85
N GLY B 119 24.81 1.26 -8.73
CA GLY B 119 24.05 1.20 -7.49
C GLY B 119 23.09 2.35 -7.35
N ASP B 120 22.65 2.63 -6.11
CA ASP B 120 21.62 3.62 -5.92
C ASP B 120 22.17 4.99 -5.46
N LEU B 121 21.35 6.02 -5.63
CA LEU B 121 21.72 7.38 -5.33
C LEU B 121 21.86 7.62 -3.81
N PHE B 122 21.20 6.80 -2.95
CA PHE B 122 21.37 6.95 -1.50
C PHE B 122 22.84 6.66 -1.13
N ASP B 123 23.40 5.55 -1.64
CA ASP B 123 24.80 5.17 -1.41
C ASP B 123 25.75 6.16 -2.08
N ALA B 124 25.38 6.69 -3.26
CA ALA B 124 26.20 7.66 -3.99
C ALA B 124 26.25 9.00 -3.23
N ILE B 125 25.12 9.45 -2.67
CA ILE B 125 25.11 10.70 -1.89
C ILE B 125 25.96 10.52 -0.61
N THR B 126 25.91 9.31 0.01
CA THR B 126 26.66 9.01 1.24
C THR B 126 28.19 9.13 0.98
N SER B 127 28.67 8.67 -0.20
CA SER B 127 30.09 8.68 -0.56
C SER B 127 30.58 10.03 -1.11
N THR B 128 29.78 10.70 -1.97
CA THR B 128 30.15 11.95 -2.65
C THR B 128 29.80 13.23 -1.84
N ASN B 129 28.79 13.16 -0.94
CA ASN B 129 28.25 14.24 -0.09
C ASN B 129 27.32 15.17 -0.91
N LYS B 130 27.89 15.93 -1.86
CA LYS B 130 27.19 16.88 -2.74
C LYS B 130 27.74 16.81 -4.15
N TYR B 131 26.95 17.28 -5.12
CA TYR B 131 27.25 17.27 -6.54
C TYR B 131 27.40 18.67 -7.09
N THR B 132 28.07 18.77 -8.24
CA THR B 132 28.24 20.03 -8.97
C THR B 132 26.94 20.35 -9.69
N GLU B 133 26.75 21.62 -10.09
CA GLU B 133 25.56 22.02 -10.85
C GLU B 133 25.48 21.30 -12.19
N ARG B 134 26.64 21.08 -12.88
CA ARG B 134 26.66 20.38 -14.17
C ARG B 134 26.09 18.95 -13.98
N ASP B 135 26.57 18.25 -12.96
CA ASP B 135 26.16 16.88 -12.63
C ASP B 135 24.70 16.83 -12.18
N ALA B 136 24.32 17.67 -11.18
CA ALA B 136 22.95 17.67 -10.65
C ALA B 136 21.91 18.10 -11.68
N SER B 137 22.23 19.07 -12.59
CA SER B 137 21.30 19.50 -13.64
C SER B 137 21.04 18.38 -14.67
N GLY B 138 22.09 17.62 -15.02
CA GLY B 138 21.93 16.51 -15.95
C GLY B 138 21.13 15.38 -15.33
N MET B 139 21.34 15.14 -14.04
CA MET B 139 20.61 14.12 -13.28
C MET B 139 19.16 14.51 -13.18
N LEU B 140 18.88 15.80 -12.92
CA LEU B 140 17.49 16.25 -12.85
C LEU B 140 16.85 16.20 -14.23
N TYR B 141 17.63 16.50 -15.28
CA TYR B 141 17.10 16.41 -16.63
C TYR B 141 16.57 14.98 -16.89
N ASN B 142 17.35 13.99 -16.49
CA ASN B 142 16.97 12.59 -16.74
C ASN B 142 15.82 12.17 -15.84
N LEU B 143 15.84 12.57 -14.58
CA LEU B 143 14.73 12.25 -13.67
C LEU B 143 13.42 12.93 -14.15
N ALA B 144 13.47 14.24 -14.50
CA ALA B 144 12.27 14.94 -14.99
C ALA B 144 11.78 14.34 -16.31
N SER B 145 12.71 13.80 -17.14
CA SER B 145 12.31 13.13 -18.38
CA SER B 145 12.33 13.12 -18.40
C SER B 145 11.48 11.89 -18.06
N ALA B 146 11.95 11.06 -17.09
CA ALA B 146 11.20 9.87 -16.67
C ALA B 146 9.85 10.29 -16.06
N ILE B 147 9.85 11.34 -15.24
CA ILE B 147 8.59 11.80 -14.63
C ILE B 147 7.62 12.31 -15.70
N LYS B 148 8.11 13.13 -16.68
CA LYS B 148 7.25 13.62 -17.77
C LYS B 148 6.56 12.44 -18.46
N TYR B 149 7.34 11.42 -18.82
CA TYR B 149 6.84 10.19 -19.45
C TYR B 149 5.74 9.53 -18.56
N LEU B 150 6.04 9.30 -17.27
CA LEU B 150 5.05 8.67 -16.39
C LEU B 150 3.77 9.49 -16.32
N HIS B 151 3.92 10.81 -16.14
CA HIS B 151 2.78 11.71 -16.00
C HIS B 151 1.95 11.76 -17.31
N SER B 152 2.61 11.59 -18.47
CA SER B 152 1.90 11.55 -19.75
C SER B 152 0.97 10.32 -19.82
N LEU B 153 1.30 9.26 -19.02
CA LEU B 153 0.54 8.00 -18.92
C LEU B 153 -0.40 8.01 -17.69
N ASN B 154 -0.48 9.17 -16.99
CA ASN B 154 -1.30 9.37 -15.79
C ASN B 154 -0.82 8.51 -14.62
N ILE B 155 0.48 8.18 -14.62
CA ILE B 155 1.08 7.39 -13.53
C ILE B 155 1.81 8.30 -12.56
N VAL B 156 1.50 8.18 -11.27
CA VAL B 156 2.24 8.86 -10.20
C VAL B 156 3.17 7.81 -9.56
N HIS B 157 4.45 8.14 -9.36
CA HIS B 157 5.37 7.14 -8.82
C HIS B 157 5.21 7.03 -7.31
N ARG B 158 5.14 8.19 -6.60
CA ARG B 158 4.90 8.29 -5.13
C ARG B 158 6.04 7.78 -4.24
N ASP B 159 7.18 7.35 -4.81
CA ASP B 159 8.27 6.88 -3.97
C ASP B 159 9.61 7.29 -4.57
N ILE B 160 9.63 8.50 -5.13
CA ILE B 160 10.87 9.03 -5.71
C ILE B 160 11.75 9.52 -4.55
N LYS B 161 12.88 8.86 -4.39
CA LYS B 161 13.87 9.21 -3.37
C LYS B 161 15.21 8.55 -3.74
N PRO B 162 16.33 9.00 -3.17
CA PRO B 162 17.65 8.49 -3.61
C PRO B 162 17.79 6.97 -3.62
N GLU B 163 17.24 6.25 -2.63
CA GLU B 163 17.36 4.79 -2.65
C GLU B 163 16.65 4.12 -3.85
N ASN B 164 15.72 4.83 -4.51
CA ASN B 164 14.95 4.30 -5.67
C ASN B 164 15.44 4.88 -7.00
N LEU B 165 16.62 5.51 -6.98
CA LEU B 165 17.25 6.07 -8.18
C LEU B 165 18.57 5.36 -8.37
N LEU B 166 18.81 4.82 -9.57
CA LEU B 166 20.03 4.06 -9.85
C LEU B 166 20.96 4.93 -10.68
N VAL B 167 22.25 4.94 -10.32
CA VAL B 167 23.23 5.84 -10.93
CA VAL B 167 23.27 5.83 -10.88
C VAL B 167 24.02 5.21 -12.08
N TYR B 168 24.25 6.01 -13.15
CA TYR B 168 25.04 5.59 -14.32
C TYR B 168 25.64 6.83 -15.00
N GLU B 169 26.53 6.61 -15.97
CA GLU B 169 27.16 7.70 -16.72
C GLU B 169 26.81 7.59 -18.20
N HIS B 170 26.58 8.74 -18.86
CA HIS B 170 26.34 8.78 -20.30
C HIS B 170 27.64 8.44 -21.04
N GLN B 171 27.54 8.21 -22.36
CA GLN B 171 28.71 7.93 -23.21
C GLN B 171 29.81 8.99 -23.02
N ASP B 172 29.42 10.27 -22.81
CA ASP B 172 30.33 11.40 -22.60
C ASP B 172 30.90 11.48 -21.15
N GLY B 173 30.43 10.64 -20.23
CA GLY B 173 30.89 10.61 -18.85
C GLY B 173 30.07 11.42 -17.83
N SER B 174 29.03 12.13 -18.30
CA SER B 174 28.20 12.93 -17.38
C SER B 174 27.27 12.00 -16.57
N LYS B 175 26.93 12.43 -15.36
CA LYS B 175 26.12 11.64 -14.44
C LYS B 175 24.65 11.61 -14.84
N SER B 176 24.04 10.42 -14.70
CA SER B 176 22.65 10.24 -15.05
C SER B 176 21.95 9.34 -14.03
N LEU B 177 20.63 9.23 -14.16
CA LEU B 177 19.85 8.42 -13.22
C LEU B 177 18.81 7.60 -13.92
N LYS B 178 18.43 6.45 -13.31
CA LYS B 178 17.31 5.61 -13.75
C LYS B 178 16.38 5.46 -12.58
N LEU B 179 15.08 5.71 -12.81
CA LEU B 179 14.06 5.57 -11.76
C LEU B 179 13.62 4.11 -11.64
N GLY B 180 13.65 3.57 -10.42
CA GLY B 180 13.21 2.21 -10.13
C GLY B 180 12.18 2.21 -9.01
N ASP B 181 11.90 1.00 -8.48
CA ASP B 181 10.98 0.74 -7.36
C ASP B 181 9.58 1.35 -7.61
N PHE B 182 8.75 0.61 -8.38
CA PHE B 182 7.39 1.07 -8.66
C PHE B 182 6.38 0.45 -7.68
N GLY B 183 6.85 0.11 -6.48
CA GLY B 183 6.03 -0.47 -5.43
C GLY B 183 4.82 0.35 -5.02
N LEU B 184 4.95 1.69 -5.04
CA LEU B 184 3.84 2.57 -4.63
C LEU B 184 3.18 3.27 -5.81
N ALA B 185 3.66 3.01 -7.05
CA ALA B 185 3.12 3.71 -8.22
C ALA B 185 1.66 3.35 -8.51
N THR B 186 0.89 4.30 -9.01
CA THR B 186 -0.50 4.04 -9.40
C THR B 186 -0.95 5.02 -10.46
N ILE B 187 -2.21 4.86 -10.92
CA ILE B 187 -2.80 5.74 -11.92
C ILE B 187 -3.61 6.81 -11.21
N VAL B 188 -3.49 8.05 -11.67
CA VAL B 188 -4.24 9.17 -11.12
C VAL B 188 -5.43 9.40 -12.05
N ASP B 189 -6.63 9.24 -11.50
CA ASP B 189 -7.89 9.52 -12.18
C ASP B 189 -8.79 10.13 -11.14
N GLY B 190 -8.56 11.39 -10.87
CA GLY B 190 -9.21 12.05 -9.76
C GLY B 190 -8.21 12.04 -8.60
N PRO B 191 -8.47 12.79 -7.53
CA PRO B 191 -7.49 12.86 -6.43
C PRO B 191 -7.29 11.57 -5.66
N LEU B 192 -6.03 11.38 -5.17
CA LEU B 192 -5.66 10.27 -4.32
C LEU B 192 -5.60 10.75 -2.89
N TYR B 193 -5.77 9.85 -1.94
CA TYR B 193 -5.73 10.22 -0.52
C TYR B 193 -4.81 9.34 0.33
N THR B 194 -4.33 8.19 -0.18
CA THR B 194 -3.49 7.33 0.66
C THR B 194 -2.24 8.05 1.11
N VAL B 195 -2.08 8.11 2.43
CA VAL B 195 -0.91 8.75 3.04
C VAL B 195 0.23 7.76 2.95
N CYS B 196 1.25 8.09 2.14
CA CYS B 196 2.37 7.18 1.95
C CYS B 196 3.57 7.98 1.52
N GLY B 197 4.74 7.40 1.64
CA GLY B 197 5.98 8.06 1.25
C GLY B 197 6.93 8.19 2.42
N THR B 198 8.03 8.89 2.19
CA THR B 198 9.11 9.09 3.16
C THR B 198 9.06 10.53 3.59
N PRO B 199 8.99 10.77 4.93
CA PRO B 199 8.80 12.15 5.45
C PRO B 199 9.67 13.24 4.78
N THR B 200 10.95 13.00 4.54
CA THR B 200 11.82 14.02 3.90
C THR B 200 11.35 14.45 2.50
N TYR B 201 10.71 13.52 1.73
CA TYR B 201 10.34 13.73 0.33
C TYR B 201 8.86 13.93 0.08
N VAL B 202 8.01 13.78 1.09
CA VAL B 202 6.55 13.81 0.96
C VAL B 202 6.01 15.23 0.75
N ALA B 203 5.15 15.41 -0.29
CA ALA B 203 4.50 16.67 -0.63
C ALA B 203 3.50 17.09 0.46
N PRO B 204 3.34 18.40 0.70
CA PRO B 204 2.44 18.85 1.77
C PRO B 204 0.99 18.39 1.58
N GLU B 205 0.50 18.29 0.32
CA GLU B 205 -0.89 17.87 0.09
C GLU B 205 -1.11 16.42 0.55
N ILE B 206 -0.04 15.59 0.57
CA ILE B 206 -0.22 14.21 1.05
C ILE B 206 -0.48 14.22 2.54
N ILE B 207 0.37 14.96 3.30
CA ILE B 207 0.25 15.09 4.75
C ILE B 207 -1.08 15.78 5.12
N ALA B 208 -1.48 16.79 4.36
CA ALA B 208 -2.71 17.58 4.60
C ALA B 208 -3.99 16.74 4.41
N GLU B 209 -3.91 15.62 3.64
CA GLU B 209 -5.03 14.70 3.38
C GLU B 209 -6.19 15.39 2.63
N THR B 210 -5.89 16.39 1.81
CA THR B 210 -6.88 17.13 1.03
C THR B 210 -6.99 16.65 -0.43
N GLY B 211 -6.24 15.60 -0.80
CA GLY B 211 -6.28 15.10 -2.17
C GLY B 211 -5.02 15.47 -2.94
N TYR B 212 -4.41 14.48 -3.61
CA TYR B 212 -3.17 14.74 -4.33
C TYR B 212 -3.11 14.03 -5.68
N GLY B 213 -2.12 14.40 -6.49
CA GLY B 213 -2.01 13.84 -7.82
C GLY B 213 -0.57 13.74 -8.28
N LEU B 214 -0.39 13.81 -9.59
CA LEU B 214 0.94 13.61 -10.21
C LEU B 214 2.02 14.52 -9.63
N LYS B 215 1.70 15.80 -9.33
CA LYS B 215 2.76 16.73 -8.91
C LYS B 215 3.44 16.40 -7.57
N VAL B 216 3.00 15.36 -6.83
CA VAL B 216 3.74 14.96 -5.63
C VAL B 216 5.14 14.47 -6.06
N ASP B 217 5.25 13.94 -7.29
CA ASP B 217 6.55 13.49 -7.86
C ASP B 217 7.49 14.67 -8.08
N ILE B 218 6.92 15.85 -8.45
CA ILE B 218 7.77 17.06 -8.69
C ILE B 218 8.34 17.57 -7.37
N TRP B 219 7.50 17.58 -6.32
CA TRP B 219 7.97 17.96 -4.98
C TRP B 219 9.13 17.06 -4.57
N ALA B 220 8.97 15.73 -4.75
CA ALA B 220 10.03 14.78 -4.40
C ALA B 220 11.31 15.08 -5.18
N ALA B 221 11.20 15.37 -6.50
CA ALA B 221 12.33 15.68 -7.36
C ALA B 221 13.00 17.01 -6.94
N GLY B 222 12.20 17.95 -6.41
CA GLY B 222 12.72 19.24 -5.92
C GLY B 222 13.57 19.03 -4.68
N VAL B 223 13.08 18.19 -3.76
CA VAL B 223 13.78 17.83 -2.53
C VAL B 223 15.12 17.16 -2.88
N ILE B 224 15.08 16.20 -3.81
CA ILE B 224 16.31 15.52 -4.24
C ILE B 224 17.30 16.51 -4.87
N THR B 225 16.82 17.43 -5.74
CA THR B 225 17.70 18.41 -6.44
C THR B 225 18.40 19.29 -5.39
N TYR B 226 17.62 19.71 -4.38
CA TYR B 226 18.16 20.50 -3.26
C TYR B 226 19.30 19.72 -2.55
N ILE B 227 19.04 18.43 -2.17
CA ILE B 227 20.05 17.56 -1.53
C ILE B 227 21.30 17.42 -2.45
N LEU B 228 21.11 17.17 -3.76
CA LEU B 228 22.28 17.02 -4.63
C LEU B 228 23.21 18.24 -4.60
N LEU B 229 22.64 19.45 -4.54
CA LEU B 229 23.41 20.70 -4.63
C LEU B 229 24.10 21.14 -3.32
N CYS B 230 23.58 20.73 -2.16
CA CYS B 230 24.17 21.15 -0.88
C CYS B 230 24.48 20.01 0.09
N GLY B 231 23.89 18.82 -0.09
CA GLY B 231 24.20 17.68 0.79
C GLY B 231 23.23 17.44 1.92
N PHE B 232 22.20 18.29 2.08
CA PHE B 232 21.22 18.13 3.17
C PHE B 232 19.82 18.52 2.63
N PRO B 233 18.76 17.96 3.25
CA PRO B 233 17.41 18.25 2.75
C PRO B 233 16.89 19.66 3.05
N PRO B 234 15.92 20.17 2.25
CA PRO B 234 15.38 21.52 2.50
C PRO B 234 14.47 21.61 3.72
N PHE B 235 13.90 20.47 4.15
CA PHE B 235 13.00 20.41 5.29
C PHE B 235 13.48 19.36 6.24
N ARG B 236 13.88 19.79 7.45
CA ARG B 236 14.36 18.95 8.53
C ARG B 236 13.48 19.18 9.76
N GLU B 243 6.59 16.47 13.93
CA GLU B 243 5.57 17.47 13.66
C GLU B 243 6.22 18.77 13.16
N VAL B 244 7.46 19.08 13.63
CA VAL B 244 8.25 20.26 13.23
C VAL B 244 8.60 20.14 11.72
N LEU B 245 8.99 18.93 11.30
CA LEU B 245 9.31 18.59 9.91
C LEU B 245 8.05 18.74 9.03
N PHE B 246 6.91 18.19 9.49
CA PHE B 246 5.65 18.30 8.76
C PHE B 246 5.15 19.75 8.64
N ASP B 247 5.35 20.59 9.69
CA ASP B 247 4.96 22.01 9.60
C ASP B 247 5.84 22.74 8.60
N GLN B 248 7.14 22.39 8.54
CA GLN B 248 8.05 23.01 7.60
C GLN B 248 7.67 22.63 6.17
N ILE B 249 7.27 21.36 5.95
CA ILE B 249 6.80 20.90 4.65
C ILE B 249 5.51 21.64 4.27
N LEU B 250 4.50 21.69 5.18
CA LEU B 250 3.19 22.33 4.96
C LEU B 250 3.28 23.83 4.63
N MET B 251 4.25 24.52 5.20
CA MET B 251 4.41 25.95 4.92
C MET B 251 5.25 26.22 3.66
N GLY B 252 6.03 25.21 3.25
CA GLY B 252 6.94 25.30 2.11
C GLY B 252 8.06 26.28 2.43
N GLN B 253 8.53 26.27 3.69
CA GLN B 253 9.56 27.19 4.18
C GLN B 253 10.93 26.78 3.62
N VAL B 254 11.22 27.23 2.38
CA VAL B 254 12.44 26.91 1.65
C VAL B 254 13.46 28.02 1.82
N ASP B 255 14.63 27.62 2.31
CA ASP B 255 15.78 28.46 2.58
CA ASP B 255 15.75 28.55 2.43
C ASP B 255 16.97 27.97 1.75
N PHE B 256 17.88 28.87 1.32
CA PHE B 256 19.12 28.49 0.63
C PHE B 256 20.25 29.06 1.51
N PRO B 257 20.56 28.42 2.67
CA PRO B 257 21.47 29.06 3.63
C PRO B 257 22.92 29.18 3.23
N SER B 258 23.59 30.16 3.88
CA SER B 258 25.01 30.45 3.75
C SER B 258 25.79 29.55 4.69
N PRO B 259 26.99 29.07 4.31
CA PRO B 259 27.74 29.38 3.09
C PRO B 259 27.44 28.45 1.91
N TYR B 260 26.82 27.29 2.18
CA TYR B 260 26.52 26.21 1.22
C TYR B 260 25.94 26.68 -0.12
N TRP B 261 24.98 27.63 -0.08
CA TRP B 261 24.31 28.05 -1.30
C TRP B 261 24.84 29.35 -1.87
N ASP B 262 25.89 29.94 -1.27
CA ASP B 262 26.47 31.22 -1.70
C ASP B 262 26.82 31.30 -3.17
N ASN B 263 27.44 30.25 -3.74
CA ASN B 263 27.85 30.35 -5.14
C ASN B 263 27.01 29.47 -6.09
N VAL B 264 25.86 28.95 -5.61
CA VAL B 264 24.96 28.19 -6.47
C VAL B 264 24.19 29.20 -7.29
N SER B 265 24.06 28.97 -8.61
CA SER B 265 23.38 29.90 -9.50
C SER B 265 21.94 30.27 -9.04
N ASP B 266 21.51 31.50 -9.37
CA ASP B 266 20.13 31.93 -9.10
C ASP B 266 19.16 31.05 -9.89
N SER B 267 19.60 30.60 -11.07
CA SER B 267 18.80 29.74 -11.95
C SER B 267 18.40 28.45 -11.22
N ALA B 268 19.36 27.80 -10.51
CA ALA B 268 19.09 26.56 -9.77
C ALA B 268 18.10 26.83 -8.63
N LYS B 269 18.34 27.91 -7.82
CA LYS B 269 17.47 28.28 -6.70
C LYS B 269 16.06 28.58 -7.18
N GLU B 270 15.91 29.30 -8.34
CA GLU B 270 14.62 29.65 -8.92
C GLU B 270 13.83 28.39 -9.33
N LEU B 271 14.52 27.45 -9.99
CA LEU B 271 13.87 26.20 -10.40
C LEU B 271 13.44 25.39 -9.18
N ILE B 272 14.33 25.19 -8.21
CA ILE B 272 14.01 24.44 -6.98
C ILE B 272 12.80 25.11 -6.27
N THR B 273 12.79 26.45 -6.22
CA THR B 273 11.67 27.21 -5.64
C THR B 273 10.33 26.82 -6.31
N MET B 274 10.30 26.75 -7.63
CA MET B 274 9.11 26.46 -8.40
C MET B 274 8.68 24.99 -8.23
N MET B 275 9.61 24.10 -7.89
CA MET B 275 9.29 22.67 -7.69
C MET B 275 8.73 22.44 -6.31
N LEU B 276 9.05 23.33 -5.37
CA LEU B 276 8.70 23.19 -3.97
C LEU B 276 7.63 24.19 -3.51
N LEU B 277 6.74 24.58 -4.41
CA LEU B 277 5.62 25.46 -4.05
C LEU B 277 4.52 24.63 -3.43
N VAL B 278 3.97 25.08 -2.29
CA VAL B 278 2.87 24.41 -1.59
C VAL B 278 1.61 24.44 -2.47
N ASP B 279 1.40 25.54 -3.21
CA ASP B 279 0.30 25.66 -4.15
C ASP B 279 0.57 24.73 -5.33
N VAL B 280 -0.20 23.63 -5.44
CA VAL B 280 -0.04 22.60 -6.48
C VAL B 280 -0.23 23.18 -7.88
N ASP B 281 -1.20 24.13 -8.05
CA ASP B 281 -1.48 24.70 -9.36
C ASP B 281 -0.30 25.57 -9.84
N GLN B 282 0.40 26.25 -8.92
CA GLN B 282 1.58 27.06 -9.26
C GLN B 282 2.84 26.21 -9.37
N ARG B 283 2.96 25.12 -8.56
CA ARG B 283 4.14 24.23 -8.67
C ARG B 283 4.36 23.81 -10.11
N PHE B 284 5.63 23.69 -10.53
CA PHE B 284 5.92 23.25 -11.89
C PHE B 284 5.42 21.84 -12.19
N SER B 285 5.03 21.61 -13.44
CA SER B 285 4.76 20.29 -13.99
C SER B 285 6.14 19.70 -14.37
N ALA B 286 6.20 18.41 -14.78
CA ALA B 286 7.46 17.84 -15.27
C ALA B 286 7.90 18.58 -16.54
N VAL B 287 6.92 18.96 -17.38
CA VAL B 287 7.13 19.70 -18.64
C VAL B 287 7.83 21.04 -18.33
N GLN B 288 7.31 21.80 -17.35
CA GLN B 288 7.90 23.10 -16.97
C GLN B 288 9.31 22.91 -16.41
N VAL B 289 9.55 21.83 -15.65
CA VAL B 289 10.92 21.57 -15.18
C VAL B 289 11.87 21.39 -16.38
N LEU B 290 11.48 20.58 -17.37
CA LEU B 290 12.32 20.29 -18.54
C LEU B 290 12.53 21.52 -19.44
N GLU B 291 11.61 22.49 -19.41
CA GLU B 291 11.74 23.73 -20.21
C GLU B 291 12.63 24.75 -19.50
N HIS B 292 12.90 24.54 -18.19
CA HIS B 292 13.69 25.49 -17.41
C HIS B 292 15.15 25.57 -17.90
N PRO B 293 15.72 26.80 -18.03
CA PRO B 293 17.11 26.93 -18.52
C PRO B 293 18.16 26.13 -17.75
N TRP B 294 17.97 25.88 -16.44
CA TRP B 294 18.98 25.20 -15.63
C TRP B 294 19.21 23.73 -16.03
N VAL B 295 18.19 23.06 -16.59
CA VAL B 295 18.32 21.64 -16.97
C VAL B 295 18.70 21.53 -18.47
N ASN B 296 18.76 22.68 -19.18
CA ASN B 296 19.16 22.76 -20.60
C ASN B 296 20.51 23.44 -20.73
MG MG C . -5.62 -8.29 9.10
S SO4 D . -3.97 3.80 -3.49
O1 SO4 D . -2.74 3.14 -3.94
O2 SO4 D . -5.12 3.29 -4.27
O3 SO4 D . -3.87 5.25 -3.63
O4 SO4 D . -4.20 3.46 -2.10
N3B AN2 E . -2.79 -5.87 9.38
PB AN2 E . -2.85 -7.25 10.25
O2B AN2 E . -1.45 -7.53 10.60
O1B AN2 E . -3.60 -8.27 9.47
O3A AN2 E . -3.64 -6.79 11.61
PA AN2 E . -5.18 -6.95 12.06
O1A AN2 E . -5.96 -7.75 11.07
O2A AN2 E . -5.69 -5.65 12.53
O5' AN2 E . -5.02 -7.93 13.33
C5' AN2 E . -4.57 -9.29 13.19
C4' AN2 E . -5.41 -10.23 14.05
O4' AN2 E . -5.49 -9.74 15.40
C3' AN2 E . -6.85 -10.28 13.58
O3' AN2 E . -6.99 -11.24 12.53
C2' AN2 E . -7.55 -10.77 14.88
O2' AN2 E . -7.29 -12.18 15.08
C1' AN2 E . -6.79 -9.99 15.94
N9 AN2 E . -7.40 -8.68 16.26
C8 AN2 E . -7.19 -7.51 15.62
N7 AN2 E . -7.89 -6.56 16.24
C5 AN2 E . -8.50 -7.10 17.29
C4 AN2 E . -8.17 -8.41 17.30
N3 AN2 E . -8.66 -9.24 18.27
C2 AN2 E . -9.50 -8.71 19.23
N1 AN2 E . -9.86 -7.37 19.19
C6 AN2 E . -9.33 -6.59 18.23
N6 AN2 E . -9.67 -5.30 18.19
MG MG F . 13.21 0.89 -2.90
N3B AN2 G . 10.96 -2.22 -2.84
PB AN2 G . 12.47 -2.25 -2.34
O2B AN2 G . 12.49 -3.38 -1.41
O1B AN2 G . 12.82 -0.87 -1.87
O3A AN2 G . 13.27 -2.63 -3.71
PA AN2 G . 13.99 -1.70 -4.80
O1A AN2 G . 13.48 -2.10 -6.15
O2A AN2 G . 14.07 -0.27 -4.44
O5' AN2 G . 15.50 -2.30 -4.69
C5' AN2 G . 16.24 -2.14 -3.46
C4' AN2 G . 17.70 -1.80 -3.78
O4' AN2 G . 18.24 -2.78 -4.66
C3' AN2 G . 17.80 -0.47 -4.49
O3' AN2 G . 17.82 0.60 -3.46
C2' AN2 G . 19.15 -0.63 -5.18
O2' AN2 G . 20.23 -0.49 -4.20
C1' AN2 G . 19.10 -2.10 -5.63
N9 AN2 G . 18.55 -2.26 -7.00
C8 AN2 G . 17.26 -2.33 -7.33
N7 AN2 G . 17.17 -2.50 -8.65
C5 AN2 G . 18.42 -2.53 -9.14
C4 AN2 G . 19.27 -2.35 -8.12
N3 AN2 G . 20.61 -2.32 -8.31
C2 AN2 G . 21.13 -2.45 -9.58
N1 AN2 G . 20.23 -2.63 -10.64
C6 AN2 G . 18.91 -2.61 -10.41
N6 AN2 G . 18.06 -2.78 -11.43
#